data_3DS9
#
_entry.id   3DS9
#
_cell.length_a   58.799
_cell.length_b   189.205
_cell.length_c   42.303
_cell.angle_alpha   90.00
_cell.angle_beta   90.00
_cell.angle_gamma   90.00
#
_symmetry.space_group_name_H-M   'P 21 21 2'
#
loop_
_entity.id
_entity.type
_entity.pdbx_description
1 polymer 'Botulinum neurotoxin type A'
2 polymer 'octapeptide I1 inhibitor'
3 non-polymer 'ZINC ION'
4 non-polymer 'NICKEL (II) ION'
5 water water
#
loop_
_entity_poly.entity_id
_entity_poly.type
_entity_poly.pdbx_seq_one_letter_code
_entity_poly.pdbx_strand_id
1 'polypeptide(L)'
;MPFVNKQFNYKDPVNGVDIAYIKIPNAGQMQPVKAFKIHNKIWVIPERDTFTNPEEGDLNPPPEAKQVPVSYYDSTYLST
DNEKDNYLKGVTKLFERIYSTDLGRMLLTSIVRGIPFWGGSTIDTELKVIDTNCINVIQPDGSYRSEELNLVIIGPSADI
IQFECKSFGHEVLNLTRNGYGSTQYIRFSPDFTFGFEESLEVDTNPLLGAGKFATDPAVTLAHELIHAGHRLYGIAINPN
RVFKVNTNAYYEMSGLEVSFEELRTFGGHDAKFIDSLQENEFRLYYYNKFKDIASTLNKAKSIVGTTASLQYMKNVFKEK
YLLSEDTSGKFSVDKLKFDKLYKMLTEIYTEDNFVKFFKVLNRKTYLNFDKAVFKINIVPKVNYTIYDGFNLRNTNLAAN
FNGQNTEINNMNFTKLK
;
A
2 'polypeptide(L)' (01W)RWT(DAB)MLG B
#
loop_
_chem_comp.id
_chem_comp.type
_chem_comp.name
_chem_comp.formula
NI non-polymer 'NICKEL (II) ION' 'Ni 2'
ZN non-polymer 'ZINC ION' 'Zn 2'
#
# COMPACT_ATOMS: atom_id res chain seq x y z
N PHE A 3 -2.07 -16.25 4.79
CA PHE A 3 -2.85 -15.02 4.65
C PHE A 3 -3.68 -15.09 3.38
N VAL A 4 -3.06 -15.53 2.30
CA VAL A 4 -3.73 -15.61 1.02
C VAL A 4 -4.45 -16.94 0.86
N ASN A 5 -5.77 -16.84 0.76
CA ASN A 5 -6.66 -17.99 0.62
C ASN A 5 -6.14 -19.09 -0.30
N LYS A 6 -5.87 -18.74 -1.55
CA LYS A 6 -5.55 -19.72 -2.58
C LYS A 6 -4.23 -19.47 -3.28
N GLN A 7 -3.66 -20.55 -3.83
CA GLN A 7 -2.45 -20.47 -4.65
C GLN A 7 -2.84 -20.21 -6.10
N PHE A 8 -3.30 -18.99 -6.38
CA PHE A 8 -3.81 -18.62 -7.70
C PHE A 8 -2.76 -18.81 -8.81
N ASN A 9 -3.19 -19.41 -9.92
CA ASN A 9 -2.44 -19.28 -11.17
C ASN A 9 -3.16 -18.25 -12.01
N TYR A 10 -2.42 -17.48 -12.81
CA TYR A 10 -3.08 -16.45 -13.60
C TYR A 10 -4.17 -17.04 -14.48
N LYS A 11 -3.94 -18.25 -14.99
CA LYS A 11 -4.83 -18.85 -15.98
C LYS A 11 -6.06 -19.53 -15.38
N ASP A 12 -6.15 -19.53 -14.06
CA ASP A 12 -7.31 -20.12 -13.39
C ASP A 12 -8.58 -19.48 -13.96
N PRO A 13 -9.63 -20.30 -14.19
CA PRO A 13 -10.90 -19.80 -14.74
C PRO A 13 -11.59 -18.78 -13.84
N VAL A 14 -12.22 -17.78 -14.44
CA VAL A 14 -12.95 -16.78 -13.67
C VAL A 14 -14.14 -17.42 -12.97
N ASN A 15 -14.51 -16.90 -11.82
CA ASN A 15 -15.66 -17.43 -11.09
C ASN A 15 -16.54 -16.31 -10.54
N GLY A 16 -16.22 -15.08 -10.92
CA GLY A 16 -17.03 -13.92 -10.56
C GLY A 16 -17.01 -13.57 -9.08
N VAL A 17 -16.25 -14.32 -8.30
CA VAL A 17 -16.16 -14.12 -6.86
C VAL A 17 -14.75 -13.67 -6.44
N ASP A 18 -13.78 -14.57 -6.53
CA ASP A 18 -12.39 -14.18 -6.21
C ASP A 18 -11.46 -14.21 -7.42
N ILE A 19 -11.96 -14.69 -8.56
CA ILE A 19 -11.26 -14.50 -9.83
C ILE A 19 -12.28 -13.89 -10.78
N ALA A 20 -11.97 -12.73 -11.34
CA ALA A 20 -12.99 -12.02 -12.10
C ALA A 20 -12.42 -10.93 -12.98
N TYR A 21 -13.17 -10.57 -14.01
CA TYR A 21 -12.85 -9.40 -14.80
C TYR A 21 -13.55 -8.19 -14.18
N ILE A 22 -12.80 -7.12 -13.95
CA ILE A 22 -13.31 -5.98 -13.19
C ILE A 22 -13.03 -4.67 -13.90
N LYS A 23 -13.79 -3.64 -13.52
CA LYS A 23 -13.52 -2.28 -13.92
C LYS A 23 -13.32 -1.37 -12.71
N ILE A 24 -12.39 -0.42 -12.88
CA ILE A 24 -12.00 0.52 -11.84
C ILE A 24 -12.72 1.84 -12.07
N PRO A 25 -13.07 2.55 -10.99
CA PRO A 25 -13.76 3.84 -11.15
C PRO A 25 -12.95 4.83 -11.98
N ASN A 26 -13.64 5.59 -12.83
CA ASN A 26 -13.02 6.71 -13.55
C ASN A 26 -13.99 7.44 -14.49
N ALA A 27 -15.18 7.77 -13.99
CA ALA A 27 -15.60 7.41 -12.63
C ALA A 27 -16.72 6.37 -12.67
N MET A 30 -12.69 1.91 -19.89
CA MET A 30 -11.70 0.83 -19.85
C MET A 30 -12.35 -0.53 -20.09
N GLN A 31 -11.63 -1.41 -20.78
CA GLN A 31 -12.02 -2.81 -20.82
C GLN A 31 -11.79 -3.40 -19.45
N PRO A 32 -12.57 -4.44 -19.10
CA PRO A 32 -12.41 -5.17 -17.85
C PRO A 32 -11.04 -5.86 -17.80
N VAL A 33 -10.44 -5.91 -16.62
CA VAL A 33 -9.15 -6.56 -16.46
C VAL A 33 -9.27 -7.72 -15.48
N LYS A 34 -8.55 -8.81 -15.74
CA LYS A 34 -8.60 -9.95 -14.84
C LYS A 34 -7.96 -9.61 -13.50
N ALA A 35 -8.66 -9.89 -12.41
CA ALA A 35 -8.18 -9.56 -11.08
C ALA A 35 -8.43 -10.70 -10.11
N PHE A 36 -7.63 -10.74 -9.05
CA PHE A 36 -7.69 -11.84 -8.11
C PHE A 36 -7.87 -11.33 -6.69
N LYS A 37 -8.86 -11.86 -6.00
CA LYS A 37 -9.11 -11.48 -4.62
C LYS A 37 -8.31 -12.38 -3.69
N ILE A 38 -7.16 -11.88 -3.24
CA ILE A 38 -6.25 -12.70 -2.46
C ILE A 38 -6.62 -12.73 -0.99
N HIS A 39 -7.46 -11.81 -0.58
CA HIS A 39 -7.92 -11.76 0.82
C HIS A 39 -9.13 -10.86 0.92
N ASN A 40 -9.95 -11.04 1.95
CA ASN A 40 -11.05 -10.12 2.20
C ASN A 40 -10.58 -8.67 2.01
N LYS A 41 -11.25 -7.92 1.15
CA LYS A 41 -10.95 -6.49 0.94
C LYS A 41 -9.68 -6.19 0.14
N ILE A 42 -8.98 -7.21 -0.32
CA ILE A 42 -7.69 -7.02 -0.98
C ILE A 42 -7.60 -7.76 -2.34
N TRP A 43 -7.38 -6.99 -3.40
CA TRP A 43 -7.32 -7.54 -4.75
C TRP A 43 -5.95 -7.29 -5.39
N VAL A 44 -5.61 -8.15 -6.34
CA VAL A 44 -4.40 -7.98 -7.13
C VAL A 44 -4.77 -7.92 -8.59
N ILE A 45 -4.28 -6.89 -9.28
CA ILE A 45 -4.50 -6.74 -10.70
C ILE A 45 -3.14 -6.77 -11.39
N PRO A 46 -2.81 -7.90 -12.03
CA PRO A 46 -1.51 -8.10 -12.68
C PRO A 46 -1.47 -7.42 -14.05
N GLU A 47 -1.65 -6.11 -14.04
CA GLU A 47 -1.58 -5.30 -15.25
C GLU A 47 -0.81 -4.04 -14.95
N ARG A 48 -0.13 -3.52 -15.96
CA ARG A 48 0.45 -2.19 -15.85
C ARG A 48 -0.67 -1.20 -15.58
N ASP A 49 -0.46 -0.27 -14.65
CA ASP A 49 -1.51 0.67 -14.31
C ASP A 49 -1.69 1.78 -15.36
N THR A 50 -2.58 1.53 -16.30
CA THR A 50 -2.99 2.55 -17.26
C THR A 50 -4.43 2.98 -16.95
N PHE A 51 -4.83 2.79 -15.68
CA PHE A 51 -6.24 2.89 -15.31
C PHE A 51 -6.59 3.92 -14.23
N THR A 52 -5.80 4.00 -13.16
CA THR A 52 -6.14 4.91 -12.06
C THR A 52 -5.95 6.34 -12.52
N ASN A 53 -5.26 6.48 -13.64
CA ASN A 53 -5.04 7.77 -14.27
C ASN A 53 -5.03 7.59 -15.78
N PRO A 54 -6.23 7.60 -16.40
CA PRO A 54 -6.49 7.29 -17.82
C PRO A 54 -5.49 7.89 -18.81
N GLU A 55 -4.98 9.08 -18.51
CA GLU A 55 -4.02 9.78 -19.36
C GLU A 55 -2.72 9.01 -19.52
N GLU A 56 -2.32 8.33 -18.45
CA GLU A 56 -1.08 7.57 -18.43
C GLU A 56 -1.24 6.20 -19.05
N GLY A 57 -1.57 6.17 -20.34
CA GLY A 57 -1.73 4.92 -21.06
C GLY A 57 -0.51 4.58 -21.88
N ASP A 58 0.30 5.57 -22.21
CA ASP A 58 1.53 5.34 -22.94
C ASP A 58 2.56 4.80 -21.95
N LEU A 59 3.18 3.66 -22.28
CA LEU A 59 4.15 3.02 -21.41
C LEU A 59 5.57 3.20 -21.96
N ASN A 60 5.70 3.97 -23.03
CA ASN A 60 7.01 4.26 -23.60
C ASN A 60 7.71 5.33 -22.78
N PRO A 61 9.05 5.34 -22.82
CA PRO A 61 9.76 6.42 -22.12
C PRO A 61 9.35 7.75 -22.73
N PRO A 62 9.00 8.73 -21.88
CA PRO A 62 8.65 10.04 -22.43
C PRO A 62 9.89 10.84 -22.78
N PRO A 63 9.74 11.87 -23.62
CA PRO A 63 10.82 12.84 -23.84
C PRO A 63 11.38 13.29 -22.49
N GLU A 64 12.70 13.36 -22.38
CA GLU A 64 13.36 13.90 -21.19
C GLU A 64 13.30 12.99 -19.96
N ALA A 65 12.89 11.73 -20.18
CA ALA A 65 12.88 10.72 -19.12
C ALA A 65 14.18 10.71 -18.32
N LYS A 66 14.09 10.37 -17.04
CA LYS A 66 15.26 10.06 -16.24
C LYS A 66 15.75 8.66 -16.58
N GLN A 67 16.89 8.28 -16.01
CA GLN A 67 17.48 6.98 -16.28
C GLN A 67 17.68 6.21 -14.99
N VAL A 68 18.03 4.93 -15.13
CA VAL A 68 18.40 4.11 -13.98
C VAL A 68 19.51 4.84 -13.22
N PRO A 69 19.49 4.78 -11.89
CA PRO A 69 18.57 4.01 -11.06
C PRO A 69 17.38 4.85 -10.57
N VAL A 70 17.11 5.95 -11.24
CA VAL A 70 15.99 6.82 -10.86
C VAL A 70 14.68 6.32 -11.47
N SER A 71 14.72 5.96 -12.75
CA SER A 71 13.53 5.46 -13.45
C SER A 71 13.93 4.30 -14.35
N TYR A 72 12.94 3.52 -14.78
CA TYR A 72 13.18 2.43 -15.70
C TYR A 72 11.94 2.21 -16.53
N TYR A 73 12.10 2.20 -17.84
CA TYR A 73 10.99 2.09 -18.77
C TYR A 73 11.14 0.86 -19.65
N ASP A 74 10.03 0.19 -19.90
CA ASP A 74 9.99 -0.96 -20.78
C ASP A 74 8.53 -1.24 -21.06
N SER A 75 8.02 -0.75 -22.19
CA SER A 75 6.60 -0.81 -22.51
C SER A 75 6.07 -2.25 -22.54
N THR A 76 7.00 -3.20 -22.62
CA THR A 76 6.70 -4.63 -22.76
C THR A 76 6.54 -5.38 -21.42
N TYR A 77 7.06 -4.83 -20.34
CA TYR A 77 7.01 -5.54 -19.06
C TYR A 77 5.57 -5.79 -18.66
N LEU A 78 5.30 -7.01 -18.18
CA LEU A 78 4.01 -7.39 -17.63
C LEU A 78 2.93 -7.35 -18.71
N SER A 79 3.29 -7.79 -19.90
CA SER A 79 2.34 -7.84 -21.01
C SER A 79 1.85 -9.26 -21.26
N THR A 80 2.65 -10.25 -20.89
CA THR A 80 2.32 -11.65 -21.20
C THR A 80 1.69 -12.38 -20.01
N ASP A 81 0.96 -13.46 -20.30
CA ASP A 81 0.36 -14.29 -19.27
C ASP A 81 1.41 -14.84 -18.31
N ASN A 82 2.52 -15.31 -18.84
CA ASN A 82 3.57 -15.88 -18.00
C ASN A 82 4.08 -14.85 -16.99
N GLU A 83 4.31 -13.62 -17.45
CA GLU A 83 4.80 -12.62 -16.50
C GLU A 83 3.70 -12.18 -15.54
N LYS A 84 2.46 -12.21 -16.01
CA LYS A 84 1.36 -11.88 -15.12
C LYS A 84 1.20 -12.96 -14.04
N ASP A 85 1.37 -14.22 -14.44
CA ASP A 85 1.35 -15.32 -13.47
C ASP A 85 2.45 -15.12 -12.43
N ASN A 86 3.65 -14.80 -12.91
CA ASN A 86 4.77 -14.59 -12.01
C ASN A 86 4.56 -13.40 -11.06
N TYR A 87 4.00 -12.32 -11.60
CA TYR A 87 3.66 -11.15 -10.79
C TYR A 87 2.74 -11.53 -9.65
N LEU A 88 1.64 -12.22 -9.98
CA LEU A 88 0.66 -12.64 -8.99
C LEU A 88 1.29 -13.50 -7.92
N LYS A 89 2.12 -14.47 -8.32
CA LYS A 89 2.78 -15.34 -7.35
C LYS A 89 3.84 -14.57 -6.53
N GLY A 90 4.48 -13.59 -7.16
CA GLY A 90 5.46 -12.76 -6.49
C GLY A 90 4.82 -11.93 -5.38
N VAL A 91 3.72 -11.26 -5.72
CA VAL A 91 3.02 -10.43 -4.76
C VAL A 91 2.45 -11.27 -3.63
N THR A 92 1.85 -12.40 -3.97
CA THR A 92 1.34 -13.34 -2.97
C THR A 92 2.41 -13.70 -1.97
N LYS A 93 3.57 -14.08 -2.46
CA LYS A 93 4.71 -14.46 -1.63
C LYS A 93 5.10 -13.35 -0.65
N LEU A 94 5.08 -12.09 -1.11
CA LEU A 94 5.47 -10.98 -0.25
C LEU A 94 4.44 -10.75 0.85
N PHE A 95 3.16 -10.93 0.54
CA PHE A 95 2.14 -10.85 1.57
C PHE A 95 2.37 -11.88 2.66
N GLU A 96 2.72 -13.10 2.27
CA GLU A 96 2.93 -14.15 3.26
C GLU A 96 4.16 -13.86 4.11
N ARG A 97 5.21 -13.36 3.46
CA ARG A 97 6.45 -12.99 4.16
C ARG A 97 6.15 -11.90 5.19
N ILE A 98 5.40 -10.89 4.79
CA ILE A 98 4.96 -9.82 5.70
C ILE A 98 4.06 -10.36 6.83
N TYR A 99 3.12 -11.21 6.45
CA TYR A 99 2.15 -11.75 7.40
C TYR A 99 2.84 -12.68 8.41
N SER A 100 3.94 -13.29 7.99
CA SER A 100 4.65 -14.23 8.85
C SER A 100 5.33 -13.54 10.05
N THR A 101 5.38 -12.21 10.04
CA THR A 101 5.92 -11.45 11.16
C THR A 101 4.78 -10.89 12.00
N ASP A 102 4.98 -10.79 13.31
CA ASP A 102 3.92 -10.27 14.18
C ASP A 102 3.51 -8.89 13.72
N LEU A 103 4.51 -8.05 13.45
CA LEU A 103 4.27 -6.69 12.96
C LEU A 103 3.41 -6.65 11.70
N GLY A 104 3.79 -7.43 10.69
CA GLY A 104 3.06 -7.46 9.43
C GLY A 104 1.67 -8.07 9.55
N ARG A 105 1.53 -9.04 10.43
CA ARG A 105 0.22 -9.61 10.75
C ARG A 105 -0.68 -8.50 11.29
N MET A 106 -0.11 -7.66 12.14
CA MET A 106 -0.86 -6.55 12.69
C MET A 106 -1.21 -5.49 11.63
N LEU A 107 -0.23 -5.06 10.84
CA LEU A 107 -0.49 -4.10 9.76
C LEU A 107 -1.59 -4.57 8.81
N LEU A 108 -1.49 -5.82 8.38
CA LEU A 108 -2.46 -6.36 7.43
C LEU A 108 -3.85 -6.43 8.04
N THR A 109 -3.91 -6.75 9.33
CA THR A 109 -5.18 -6.77 10.05
C THR A 109 -5.76 -5.35 10.11
N SER A 110 -4.92 -4.36 10.41
CA SER A 110 -5.34 -2.96 10.39
C SER A 110 -5.84 -2.52 9.03
N ILE A 111 -5.20 -3.01 7.98
CA ILE A 111 -5.58 -2.65 6.64
C ILE A 111 -6.95 -3.26 6.31
N VAL A 112 -7.15 -4.51 6.65
CA VAL A 112 -8.42 -5.17 6.34
C VAL A 112 -9.58 -4.52 7.11
N ARG A 113 -9.32 -4.10 8.35
CA ARG A 113 -10.29 -3.38 9.16
C ARG A 113 -10.56 -1.95 8.66
N GLY A 114 -9.67 -1.43 7.84
CA GLY A 114 -9.69 -0.02 7.49
C GLY A 114 -10.67 0.37 6.41
N ILE A 115 -11.89 -0.15 6.50
CA ILE A 115 -12.92 0.16 5.52
C ILE A 115 -13.12 1.67 5.35
N PRO A 116 -12.97 2.17 4.12
CA PRO A 116 -13.20 3.59 3.84
C PRO A 116 -14.58 4.02 4.33
N PHE A 117 -14.65 5.18 4.97
CA PHE A 117 -15.91 5.63 5.54
C PHE A 117 -16.97 5.84 4.47
N TRP A 118 -18.19 5.45 4.79
CA TRP A 118 -19.36 5.68 3.94
C TRP A 118 -19.79 7.14 4.07
N GLY A 119 -19.10 8.02 3.34
CA GLY A 119 -19.42 9.43 3.40
C GLY A 119 -19.89 9.92 2.04
N GLY A 120 -20.70 9.10 1.39
CA GLY A 120 -21.16 9.39 0.05
C GLY A 120 -22.41 10.22 -0.04
N SER A 121 -23.14 10.36 1.07
CA SER A 121 -24.42 11.05 1.01
C SER A 121 -24.30 12.57 1.11
N THR A 122 -25.31 13.25 0.58
CA THR A 122 -25.44 14.70 0.72
C THR A 122 -26.40 15.02 1.86
N ILE A 123 -27.24 14.06 2.21
CA ILE A 123 -28.12 14.19 3.36
C ILE A 123 -27.40 13.64 4.58
N ASP A 124 -27.31 14.44 5.63
CA ASP A 124 -26.45 14.10 6.76
C ASP A 124 -27.03 13.06 7.72
N THR A 125 -28.19 12.51 7.38
CA THR A 125 -28.79 11.45 8.20
C THR A 125 -28.77 10.12 7.45
N GLU A 126 -28.18 10.15 6.26
CA GLU A 126 -28.11 8.99 5.39
C GLU A 126 -26.66 8.53 5.23
N LEU A 127 -26.38 7.28 5.58
CA LEU A 127 -25.08 6.70 5.27
C LEU A 127 -25.12 6.14 3.85
N LYS A 128 -24.06 6.40 3.10
CA LYS A 128 -23.95 5.89 1.75
C LYS A 128 -22.49 5.64 1.39
N VAL A 129 -22.22 4.58 0.63
CA VAL A 129 -20.86 4.29 0.19
C VAL A 129 -20.41 5.35 -0.80
N ILE A 130 -19.10 5.57 -0.86
CA ILE A 130 -18.52 6.37 -1.92
C ILE A 130 -18.08 5.43 -3.05
N ASP A 131 -18.57 5.67 -4.26
CA ASP A 131 -18.43 4.76 -5.39
C ASP A 131 -16.98 4.46 -5.79
N THR A 132 -16.12 5.44 -5.59
CA THR A 132 -14.71 5.30 -5.97
C THR A 132 -13.92 4.42 -5.00
N ASN A 133 -14.57 4.00 -3.91
CA ASN A 133 -14.01 3.01 -3.00
C ASN A 133 -14.48 1.59 -3.32
N CYS A 134 -14.97 1.40 -4.55
CA CYS A 134 -15.48 0.12 -5.01
C CYS A 134 -14.85 -0.25 -6.32
N ILE A 135 -15.00 -1.51 -6.71
CA ILE A 135 -14.72 -1.90 -8.07
C ILE A 135 -16.00 -2.52 -8.63
N ASN A 136 -16.04 -2.67 -9.96
CA ASN A 136 -17.18 -3.29 -10.61
C ASN A 136 -16.79 -4.67 -11.10
N VAL A 137 -17.44 -5.69 -10.55
CA VAL A 137 -17.11 -7.07 -10.90
C VAL A 137 -18.10 -7.60 -11.91
N ILE A 138 -17.60 -8.04 -13.06
CA ILE A 138 -18.48 -8.51 -14.11
C ILE A 138 -19.15 -9.83 -13.69
N GLN A 139 -20.39 -10.01 -14.13
CA GLN A 139 -21.15 -11.22 -13.85
C GLN A 139 -21.30 -12.06 -15.11
N PRO A 140 -21.76 -13.32 -14.96
CA PRO A 140 -21.93 -14.21 -16.11
C PRO A 140 -22.75 -13.58 -17.23
N ASP A 141 -23.74 -12.76 -16.88
CA ASP A 141 -24.62 -12.17 -17.88
C ASP A 141 -24.10 -10.84 -18.44
N GLY A 142 -22.85 -10.53 -18.11
CA GLY A 142 -22.21 -9.33 -18.63
C GLY A 142 -22.50 -8.09 -17.81
N SER A 143 -23.42 -8.18 -16.86
CA SER A 143 -23.69 -7.05 -15.99
C SER A 143 -22.61 -6.95 -14.94
N TYR A 144 -22.64 -5.89 -14.14
CA TYR A 144 -21.64 -5.69 -13.09
C TYR A 144 -22.28 -5.54 -11.72
N ARG A 145 -21.59 -6.01 -10.69
CA ARG A 145 -21.99 -5.73 -9.32
C ARG A 145 -20.86 -4.97 -8.63
N SER A 146 -21.24 -4.00 -7.81
CA SER A 146 -20.29 -3.16 -7.12
C SER A 146 -19.79 -3.87 -5.86
N GLU A 147 -18.47 -3.89 -5.69
CA GLU A 147 -17.88 -4.51 -4.51
C GLU A 147 -16.94 -3.53 -3.82
N GLU A 148 -17.14 -3.33 -2.53
CA GLU A 148 -16.23 -2.48 -1.76
C GLU A 148 -14.93 -3.22 -1.50
N LEU A 149 -13.82 -2.47 -1.48
CA LEU A 149 -12.52 -3.06 -1.20
C LEU A 149 -11.63 -2.00 -0.59
N ASN A 150 -10.56 -2.45 0.07
CA ASN A 150 -9.63 -1.55 0.74
C ASN A 150 -8.35 -1.32 -0.04
N LEU A 151 -7.88 -2.37 -0.69
CA LEU A 151 -6.54 -2.36 -1.21
C LEU A 151 -6.46 -3.07 -2.55
N VAL A 152 -5.81 -2.43 -3.49
CA VAL A 152 -5.47 -3.06 -4.76
C VAL A 152 -3.96 -3.02 -4.95
N ILE A 153 -3.37 -4.14 -5.33
CA ILE A 153 -2.00 -4.14 -5.81
C ILE A 153 -2.02 -4.23 -7.32
N ILE A 154 -1.42 -3.24 -7.97
CA ILE A 154 -1.44 -3.14 -9.42
C ILE A 154 -0.01 -2.93 -9.92
N GLY A 155 0.25 -3.34 -11.16
CA GLY A 155 1.58 -3.16 -11.72
C GLY A 155 1.86 -1.69 -11.98
N PRO A 156 3.14 -1.33 -12.12
CA PRO A 156 3.47 0.08 -12.25
C PRO A 156 2.98 0.67 -13.57
N SER A 157 2.94 1.99 -13.66
CA SER A 157 2.61 2.68 -14.88
C SER A 157 3.88 2.77 -15.72
N ALA A 158 4.04 3.83 -16.51
CA ALA A 158 5.20 3.97 -17.40
C ALA A 158 6.54 3.73 -16.71
N ASP A 159 6.79 4.41 -15.60
CA ASP A 159 8.04 4.25 -14.88
C ASP A 159 7.91 3.01 -14.02
N ILE A 160 8.56 1.93 -14.45
CA ILE A 160 8.37 0.63 -13.83
C ILE A 160 8.72 0.66 -12.36
N ILE A 161 9.67 1.50 -11.97
CA ILE A 161 10.11 1.48 -10.58
C ILE A 161 9.54 2.61 -9.72
N GLN A 162 8.54 3.32 -10.25
CA GLN A 162 7.86 4.33 -9.44
C GLN A 162 6.73 3.70 -8.63
N PHE A 163 7.07 3.13 -7.48
CA PHE A 163 6.07 2.53 -6.61
C PHE A 163 5.47 3.63 -5.74
N GLU A 164 4.18 3.51 -5.44
CA GLU A 164 3.46 4.56 -4.72
C GLU A 164 2.00 4.18 -4.50
N CYS A 165 1.38 4.84 -3.54
CA CYS A 165 -0.05 4.68 -3.26
C CYS A 165 -0.82 5.77 -3.98
N LYS A 166 -1.88 5.38 -4.67
CA LYS A 166 -2.75 6.38 -5.21
C LYS A 166 -4.17 5.94 -4.98
N SER A 167 -5.06 6.91 -4.92
CA SER A 167 -6.46 6.63 -4.63
C SER A 167 -7.30 7.72 -5.26
N PHE A 168 -8.55 7.40 -5.54
CA PHE A 168 -9.44 8.35 -6.17
C PHE A 168 -9.95 9.36 -5.16
N GLY A 169 -9.99 10.62 -5.58
CA GLY A 169 -10.36 11.71 -4.71
C GLY A 169 -11.84 12.03 -4.76
N HIS A 170 -12.26 12.90 -3.85
CA HIS A 170 -13.63 13.36 -3.81
C HIS A 170 -13.67 14.81 -4.29
N GLU A 171 -14.81 15.24 -4.83
CA GLU A 171 -14.94 16.62 -5.31
C GLU A 171 -14.54 17.61 -4.24
N VAL A 172 -14.98 17.35 -3.01
CA VAL A 172 -14.78 18.30 -1.94
C VAL A 172 -14.01 17.73 -0.73
N LEU A 173 -14.23 16.46 -0.42
CA LEU A 173 -13.58 15.83 0.73
C LEU A 173 -12.13 15.44 0.45
N ASN A 174 -11.30 15.53 1.48
CA ASN A 174 -9.92 15.04 1.42
C ASN A 174 -9.85 13.68 2.11
N LEU A 175 -10.25 12.65 1.37
CA LEU A 175 -10.49 11.34 1.96
C LEU A 175 -9.28 10.76 2.70
N THR A 176 -8.07 11.09 2.25
CA THR A 176 -6.88 10.54 2.89
C THR A 176 -6.41 11.36 4.08
N ARG A 177 -7.05 12.49 4.34
CA ARG A 177 -6.66 13.35 5.46
C ARG A 177 -7.81 13.78 6.36
N ASN A 178 -9.01 13.28 6.13
CA ASN A 178 -10.14 13.70 6.95
C ASN A 178 -10.67 12.56 7.82
N GLY A 179 -9.85 11.53 8.00
CA GLY A 179 -10.23 10.38 8.80
C GLY A 179 -11.13 9.38 8.09
N TYR A 180 -11.59 9.72 6.89
CA TYR A 180 -12.53 8.85 6.17
C TYR A 180 -11.80 7.67 5.55
N GLY A 181 -10.70 7.97 4.88
CA GLY A 181 -9.96 6.98 4.11
C GLY A 181 -10.57 6.71 2.75
N SER A 182 -9.79 6.04 1.92
CA SER A 182 -10.20 5.68 0.57
C SER A 182 -9.46 4.44 0.12
N THR A 183 -10.06 3.73 -0.83
CA THR A 183 -9.46 2.55 -1.42
C THR A 183 -8.10 2.89 -1.98
N GLN A 184 -7.09 2.14 -1.59
CA GLN A 184 -5.71 2.43 -1.99
C GLN A 184 -5.23 1.51 -3.10
N TYR A 185 -4.69 2.10 -4.17
CA TYR A 185 -4.08 1.35 -5.26
C TYR A 185 -2.58 1.50 -5.18
N ILE A 186 -1.90 0.40 -4.86
CA ILE A 186 -0.45 0.44 -4.74
C ILE A 186 0.19 -0.02 -6.05
N ARG A 187 0.82 0.92 -6.75
CA ARG A 187 1.63 0.57 -7.91
C ARG A 187 2.90 -0.06 -7.41
N PHE A 188 3.15 -1.30 -7.81
CA PHE A 188 4.27 -2.07 -7.27
C PHE A 188 4.65 -3.21 -8.19
N SER A 189 5.93 -3.58 -8.20
CA SER A 189 6.35 -4.79 -8.89
C SER A 189 7.28 -5.60 -8.02
N PRO A 190 7.06 -6.93 -7.95
CA PRO A 190 8.01 -7.80 -7.25
C PRO A 190 9.17 -8.27 -8.16
N ASP A 191 9.18 -7.80 -9.40
CA ASP A 191 10.17 -8.30 -10.39
C ASP A 191 11.44 -7.48 -10.46
N PHE A 192 11.51 -6.42 -9.66
CA PHE A 192 12.67 -5.54 -9.60
C PHE A 192 12.98 -5.17 -8.17
N THR A 193 14.22 -4.75 -7.93
CA THR A 193 14.56 -4.18 -6.64
C THR A 193 15.76 -3.25 -6.79
N PHE A 194 16.17 -2.66 -5.68
CA PHE A 194 17.10 -1.55 -5.69
C PHE A 194 18.35 -1.86 -4.89
N GLY A 195 19.48 -1.34 -5.34
CA GLY A 195 20.74 -1.52 -4.63
C GLY A 195 21.08 -0.33 -3.77
N PHE A 196 21.62 -0.62 -2.59
CA PHE A 196 22.19 0.40 -1.71
C PHE A 196 23.59 -0.06 -1.25
N GLU A 197 24.34 0.82 -0.59
CA GLU A 197 25.67 0.47 -0.07
C GLU A 197 25.65 0.08 1.41
N GLU A 198 26.81 -0.30 1.92
CA GLU A 198 26.97 -0.74 3.32
C GLU A 198 26.57 -2.19 3.52
N ALA A 210 27.94 2.19 -5.14
CA ALA A 210 27.93 1.06 -6.07
C ALA A 210 26.60 0.31 -6.02
N GLY A 211 26.01 0.23 -4.83
CA GLY A 211 24.75 -0.47 -4.65
C GLY A 211 24.94 -1.97 -4.68
N LYS A 212 25.90 -2.45 -3.90
CA LYS A 212 26.22 -3.88 -3.85
C LYS A 212 25.09 -4.71 -3.27
N PHE A 213 24.42 -4.18 -2.24
CA PHE A 213 23.34 -4.95 -1.59
C PHE A 213 21.96 -4.58 -2.12
N ALA A 214 21.11 -5.60 -2.26
CA ALA A 214 19.75 -5.42 -2.78
C ALA A 214 18.70 -5.32 -1.68
N THR A 215 17.82 -4.33 -1.79
CA THR A 215 16.67 -4.18 -0.90
C THR A 215 15.77 -5.41 -1.01
N ASP A 216 15.37 -5.97 0.11
CA ASP A 216 14.40 -7.06 0.11
C ASP A 216 13.04 -6.50 -0.32
N PRO A 217 12.47 -7.04 -1.40
CA PRO A 217 11.22 -6.46 -1.94
C PRO A 217 10.08 -6.48 -0.91
N ALA A 218 10.21 -7.29 0.13
CA ALA A 218 9.18 -7.34 1.16
C ALA A 218 9.15 -6.07 2.00
N VAL A 219 10.33 -5.47 2.22
CA VAL A 219 10.40 -4.20 2.92
C VAL A 219 9.77 -3.10 2.05
N THR A 220 10.06 -3.14 0.76
CA THR A 220 9.52 -2.18 -0.20
C THR A 220 8.00 -2.21 -0.21
N LEU A 221 7.42 -3.41 -0.33
CA LEU A 221 5.96 -3.53 -0.24
C LEU A 221 5.41 -3.05 1.11
N ALA A 222 6.09 -3.41 2.20
CA ALA A 222 5.62 -3.06 3.52
C ALA A 222 5.58 -1.55 3.67
N HIS A 223 6.53 -0.87 3.01
CA HIS A 223 6.63 0.58 3.02
C HIS A 223 5.37 1.16 2.39
N GLU A 224 4.93 0.59 1.28
CA GLU A 224 3.69 1.07 0.64
C GLU A 224 2.45 0.73 1.46
N LEU A 225 2.46 -0.45 2.08
CA LEU A 225 1.36 -0.86 2.93
C LEU A 225 1.19 0.08 4.13
N ILE A 226 2.31 0.55 4.67
CA ILE A 226 2.28 1.54 5.75
C ILE A 226 1.61 2.82 5.28
N HIS A 227 2.00 3.31 4.10
CA HIS A 227 1.33 4.47 3.50
C HIS A 227 -0.15 4.17 3.36
N ALA A 228 -0.46 2.98 2.86
CA ALA A 228 -1.85 2.57 2.67
C ALA A 228 -2.62 2.65 3.99
N GLY A 229 -1.97 2.23 5.08
CA GLY A 229 -2.60 2.24 6.39
C GLY A 229 -2.99 3.66 6.74
N HIS A 230 -2.04 4.57 6.65
CA HIS A 230 -2.31 5.97 6.89
C HIS A 230 -3.49 6.46 6.04
N ARG A 231 -3.47 6.15 4.75
CA ARG A 231 -4.46 6.67 3.82
C ARG A 231 -5.84 6.07 4.06
N LEU A 232 -5.88 4.81 4.50
CA LEU A 232 -7.17 4.13 4.70
C LEU A 232 -7.86 4.64 5.95
N TYR A 233 -7.07 5.14 6.89
CA TYR A 233 -7.61 5.66 8.15
C TYR A 233 -7.73 7.17 8.10
N GLY A 234 -7.44 7.72 6.93
CA GLY A 234 -7.62 9.13 6.65
C GLY A 234 -6.71 10.00 7.47
N ILE A 235 -5.51 9.51 7.76
CA ILE A 235 -4.59 10.24 8.62
C ILE A 235 -3.23 10.52 8.00
N ALA A 236 -3.16 10.52 6.68
CA ALA A 236 -1.92 10.87 6.01
C ALA A 236 -1.61 12.34 6.21
N ILE A 237 -0.33 12.66 6.39
CA ILE A 237 0.11 14.04 6.55
C ILE A 237 0.13 14.75 5.20
N ASN A 238 -0.57 15.88 5.10
CA ASN A 238 -0.57 16.67 3.88
C ASN A 238 0.86 16.80 3.36
N PRO A 239 1.08 16.49 2.07
CA PRO A 239 2.41 16.53 1.49
C PRO A 239 3.00 17.93 1.49
N ASN A 240 2.20 18.95 1.79
CA ASN A 240 2.70 20.31 1.93
C ASN A 240 3.47 20.53 3.23
N ARG A 241 3.42 19.54 4.11
CA ARG A 241 4.22 19.57 5.33
C ARG A 241 5.51 18.83 5.07
N VAL A 242 6.60 19.59 4.94
CA VAL A 242 7.88 19.02 4.56
C VAL A 242 9.02 19.44 5.48
N PHE A 243 10.07 18.64 5.45
CA PHE A 243 11.33 18.94 6.12
C PHE A 243 12.36 19.25 5.05
N LYS A 244 13.05 20.38 5.20
CA LYS A 244 14.08 20.75 4.24
C LYS A 244 15.35 20.03 4.63
N VAL A 245 15.85 19.18 3.73
CA VAL A 245 16.88 18.22 4.10
C VAL A 245 18.24 18.88 4.29
N ASN A 246 18.83 18.69 5.47
CA ASN A 246 20.09 19.33 5.81
C ASN A 246 21.13 18.37 6.41
N THR A 247 20.93 17.09 6.16
CA THR A 247 21.83 16.06 6.68
C THR A 247 23.26 16.23 6.18
N ASN A 248 23.41 16.75 4.96
CA ASN A 248 24.73 17.00 4.38
C ASN A 248 24.69 17.96 3.20
N ALA A 249 25.73 17.92 2.38
CA ALA A 249 25.76 18.64 1.11
C ALA A 249 25.20 20.06 1.17
N SER A 254 21.07 21.41 -0.48
CA SER A 254 20.68 22.56 -1.29
C SER A 254 19.42 22.31 -2.12
N GLY A 255 18.26 22.53 -1.52
CA GLY A 255 16.99 22.49 -2.23
C GLY A 255 16.06 21.39 -1.75
N LEU A 256 16.59 20.18 -1.68
CA LEU A 256 15.78 18.99 -1.46
C LEU A 256 14.87 19.04 -0.23
N GLU A 257 13.64 18.55 -0.41
CA GLU A 257 12.67 18.44 0.67
C GLU A 257 12.19 17.00 0.80
N VAL A 258 11.67 16.66 1.97
CA VAL A 258 11.06 15.36 2.20
C VAL A 258 9.79 15.58 3.01
N SER A 259 8.71 14.86 2.69
CA SER A 259 7.46 15.08 3.39
C SER A 259 7.53 14.42 4.76
N PHE A 260 6.82 14.99 5.73
CA PHE A 260 6.71 14.35 7.03
C PHE A 260 6.08 12.96 6.89
N GLU A 261 5.15 12.83 5.95
CA GLU A 261 4.50 11.54 5.72
C GLU A 261 5.52 10.46 5.42
N GLU A 262 6.54 10.80 4.64
CA GLU A 262 7.58 9.84 4.29
C GLU A 262 8.50 9.57 5.48
N LEU A 263 8.89 10.62 6.20
CA LEU A 263 9.73 10.45 7.38
C LEU A 263 9.05 9.54 8.40
N ARG A 264 7.75 9.73 8.60
CA ARG A 264 7.00 8.93 9.56
C ARG A 264 6.94 7.47 9.11
N THR A 265 6.71 7.27 7.82
CA THR A 265 6.63 5.93 7.26
C THR A 265 7.93 5.18 7.46
N PHE A 266 9.06 5.86 7.26
CA PHE A 266 10.34 5.22 7.52
C PHE A 266 10.60 4.99 9.02
N GLY A 267 10.36 6.02 9.82
CA GLY A 267 10.55 5.90 11.25
C GLY A 267 12.01 5.81 11.65
N GLY A 268 12.28 5.06 12.70
CA GLY A 268 13.65 4.86 13.17
C GLY A 268 14.40 6.16 13.36
N HIS A 269 15.58 6.24 12.75
CA HIS A 269 16.45 7.40 12.89
C HIS A 269 15.77 8.67 12.44
N ASP A 270 14.95 8.56 11.41
CA ASP A 270 14.37 9.74 10.77
C ASP A 270 13.28 10.44 11.56
N ALA A 271 12.82 9.83 12.66
CA ALA A 271 11.91 10.53 13.57
C ALA A 271 12.55 11.82 14.09
N LYS A 272 13.88 11.88 14.05
CA LYS A 272 14.65 13.05 14.47
C LYS A 272 14.18 14.33 13.75
N PHE A 273 13.72 14.20 12.52
CA PHE A 273 13.42 15.36 11.69
C PHE A 273 11.96 15.80 11.71
N ILE A 274 11.11 15.05 12.39
CA ILE A 274 9.71 15.43 12.47
C ILE A 274 9.52 16.47 13.58
N ASP A 275 8.96 17.62 13.21
CA ASP A 275 8.70 18.69 14.16
C ASP A 275 7.65 18.24 15.17
N SER A 276 8.08 18.09 16.43
CA SER A 276 7.19 17.62 17.48
C SER A 276 5.96 18.50 17.65
N LEU A 277 6.14 19.81 17.60
CA LEU A 277 5.01 20.73 17.71
C LEU A 277 4.00 20.45 16.62
N GLN A 278 4.49 20.21 15.41
CA GLN A 278 3.61 19.90 14.30
C GLN A 278 2.90 18.57 14.52
N GLU A 279 3.65 17.57 14.98
CA GLU A 279 3.02 16.25 15.15
C GLU A 279 1.90 16.35 16.17
N ASN A 280 2.04 17.22 17.15
CA ASN A 280 0.97 17.44 18.11
C ASN A 280 -0.26 18.02 17.42
N GLU A 281 -0.04 18.99 16.55
CA GLU A 281 -1.11 19.53 15.71
C GLU A 281 -1.85 18.42 14.96
N PHE A 282 -1.09 17.54 14.31
CA PHE A 282 -1.70 16.49 13.49
C PHE A 282 -2.54 15.57 14.37
N ARG A 283 -1.93 15.09 15.44
CA ARG A 283 -2.60 14.20 16.38
C ARG A 283 -3.94 14.79 16.86
N LEU A 284 -3.97 16.07 17.22
CA LEU A 284 -5.22 16.70 17.63
C LEU A 284 -6.20 16.80 16.48
N TYR A 285 -5.69 17.19 15.32
CA TYR A 285 -6.52 17.34 14.13
C TYR A 285 -7.28 16.05 13.83
N TYR A 286 -6.59 14.92 13.91
CA TYR A 286 -7.19 13.66 13.50
C TYR A 286 -8.11 13.10 14.57
N TYR A 287 -7.76 13.35 15.83
CA TYR A 287 -8.67 13.06 16.94
C TYR A 287 -10.03 13.72 16.68
N ASN A 288 -10.02 15.01 16.37
CA ASN A 288 -11.27 15.71 16.05
C ASN A 288 -11.99 15.10 14.84
N LYS A 289 -11.23 14.72 13.80
CA LYS A 289 -11.81 14.08 12.63
C LYS A 289 -12.53 12.80 13.00
N PHE A 290 -11.89 11.96 13.81
CA PHE A 290 -12.54 10.74 14.29
C PHE A 290 -13.80 11.08 15.09
N LYS A 291 -13.75 12.21 15.80
CA LYS A 291 -14.91 12.67 16.54
C LYS A 291 -16.07 13.03 15.60
N ASP A 292 -15.75 13.69 14.49
CA ASP A 292 -16.77 14.04 13.49
C ASP A 292 -17.39 12.79 12.91
N ILE A 293 -16.59 11.73 12.78
CA ILE A 293 -17.08 10.45 12.26
C ILE A 293 -18.06 9.82 13.24
N ALA A 294 -17.67 9.75 14.50
CA ALA A 294 -18.59 9.30 15.54
C ALA A 294 -19.91 10.07 15.44
N SER A 295 -19.83 11.39 15.38
CA SER A 295 -21.05 12.20 15.31
C SER A 295 -21.92 11.84 14.12
N THR A 296 -21.29 11.62 12.97
CA THR A 296 -22.01 11.24 11.76
C THR A 296 -22.76 9.92 11.94
N LEU A 297 -22.09 8.94 12.53
CA LEU A 297 -22.73 7.66 12.80
C LEU A 297 -23.96 7.85 13.68
N ASN A 298 -23.82 8.74 14.65
CA ASN A 298 -24.89 9.04 15.60
C ASN A 298 -26.10 9.73 14.99
N LYS A 299 -25.89 10.50 13.93
CA LYS A 299 -26.98 11.24 13.31
C LYS A 299 -27.76 10.38 12.32
N ALA A 300 -27.13 9.31 11.83
CA ALA A 300 -27.68 8.50 10.75
C ALA A 300 -29.05 7.89 11.05
N LYS A 301 -29.99 8.06 10.13
CA LYS A 301 -31.33 7.51 10.29
C LYS A 301 -31.70 6.54 9.18
N SER A 302 -30.93 6.57 8.09
CA SER A 302 -31.19 5.70 6.95
C SER A 302 -29.88 5.25 6.33
N ILE A 303 -29.96 4.26 5.45
CA ILE A 303 -28.78 3.80 4.73
C ILE A 303 -29.16 3.36 3.32
N VAL A 304 -28.33 3.73 2.34
CA VAL A 304 -28.55 3.34 0.95
C VAL A 304 -27.81 2.06 0.65
N GLY A 305 -28.50 1.10 0.05
CA GLY A 305 -27.87 -0.16 -0.33
C GLY A 305 -28.68 -1.36 0.11
N THR A 306 -28.49 -2.48 -0.58
CA THR A 306 -29.33 -3.64 -0.37
C THR A 306 -28.63 -4.75 0.41
N THR A 307 -27.36 -4.54 0.72
CA THR A 307 -26.53 -5.62 1.24
C THR A 307 -26.38 -5.57 2.77
N ALA A 308 -25.88 -4.46 3.29
CA ALA A 308 -25.59 -4.35 4.72
C ALA A 308 -26.59 -3.43 5.45
N SER A 309 -26.77 -3.67 6.74
CA SER A 309 -27.67 -2.84 7.53
C SER A 309 -26.95 -1.62 8.11
N LEU A 310 -27.73 -0.61 8.47
CA LEU A 310 -27.18 0.55 9.14
C LEU A 310 -26.41 0.13 10.38
N GLN A 311 -26.98 -0.80 11.14
CA GLN A 311 -26.33 -1.26 12.36
C GLN A 311 -25.07 -2.07 12.07
N TYR A 312 -25.06 -2.80 10.96
CA TYR A 312 -23.86 -3.51 10.54
C TYR A 312 -22.72 -2.53 10.23
N MET A 313 -22.99 -1.59 9.33
CA MET A 313 -22.01 -0.57 8.97
C MET A 313 -21.52 0.24 10.15
N LYS A 314 -22.43 0.66 11.03
CA LYS A 314 -22.04 1.32 12.27
C LYS A 314 -21.02 0.48 13.01
N ASN A 315 -21.32 -0.80 13.17
CA ASN A 315 -20.38 -1.71 13.81
C ASN A 315 -19.04 -1.82 13.08
N VAL A 316 -19.08 -1.79 11.75
CA VAL A 316 -17.85 -1.85 10.96
C VAL A 316 -16.95 -0.67 11.28
N PHE A 317 -17.54 0.51 11.45
CA PHE A 317 -16.75 1.70 11.74
C PHE A 317 -16.42 1.86 13.23
N LYS A 318 -17.29 1.37 14.09
CA LYS A 318 -16.94 1.22 15.50
C LYS A 318 -15.62 0.45 15.58
N GLU A 319 -15.58 -0.72 14.96
CA GLU A 319 -14.36 -1.53 15.00
C GLU A 319 -13.18 -0.83 14.34
N LYS A 320 -13.40 -0.25 13.16
CA LYS A 320 -12.30 0.42 12.48
C LYS A 320 -11.60 1.51 13.31
N TYR A 321 -12.39 2.40 13.90
CA TYR A 321 -11.85 3.55 14.62
C TYR A 321 -11.76 3.30 16.12
N LEU A 322 -12.09 2.08 16.51
CA LEU A 322 -12.06 1.68 17.91
C LEU A 322 -12.93 2.58 18.77
N LEU A 323 -14.13 2.90 18.28
CA LEU A 323 -15.04 3.76 19.01
C LEU A 323 -15.60 3.05 20.23
N SER A 324 -16.01 3.84 21.23
CA SER A 324 -16.72 3.31 22.38
C SER A 324 -18.23 3.50 22.20
N GLU A 325 -18.99 2.44 22.42
CA GLU A 325 -20.44 2.47 22.22
C GLU A 325 -21.20 2.34 23.54
N ASP A 326 -22.10 3.30 23.82
CA ASP A 326 -22.86 3.29 25.06
C ASP A 326 -24.13 2.43 25.00
N THR A 327 -24.93 2.52 26.06
CA THR A 327 -26.18 1.76 26.20
C THR A 327 -27.17 2.04 25.06
N SER A 328 -27.25 3.30 24.65
CA SER A 328 -28.22 3.71 23.64
C SER A 328 -27.61 3.74 22.24
N GLY A 329 -26.56 2.95 22.03
CA GLY A 329 -25.97 2.79 20.71
C GLY A 329 -25.20 3.99 20.21
N LYS A 330 -25.00 4.97 21.08
CA LYS A 330 -24.27 6.18 20.74
C LYS A 330 -22.75 5.94 20.75
N PHE A 331 -22.06 6.51 19.76
CA PHE A 331 -20.61 6.33 19.64
C PHE A 331 -19.82 7.55 20.11
N SER A 332 -18.59 7.31 20.54
CA SER A 332 -17.70 8.38 20.97
C SER A 332 -16.29 7.88 20.86
N VAL A 333 -15.33 8.79 20.76
CA VAL A 333 -13.92 8.42 20.69
C VAL A 333 -13.33 8.32 22.09
N ASP A 334 -12.63 7.23 22.36
CA ASP A 334 -11.91 7.06 23.61
C ASP A 334 -10.49 7.62 23.45
N LYS A 335 -10.11 8.55 24.32
CA LYS A 335 -8.81 9.19 24.18
C LYS A 335 -7.66 8.19 24.20
N LEU A 336 -7.70 7.24 25.13
CA LEU A 336 -6.66 6.21 25.21
C LEU A 336 -6.64 5.30 23.99
N LYS A 337 -7.82 4.89 23.52
CA LYS A 337 -7.90 4.01 22.37
C LYS A 337 -7.47 4.71 21.08
N PHE A 338 -7.78 5.98 20.94
CA PHE A 338 -7.30 6.75 19.78
C PHE A 338 -5.78 6.84 19.82
N ASP A 339 -5.24 7.16 20.98
CA ASP A 339 -3.80 7.29 21.14
C ASP A 339 -3.13 5.99 20.72
N LYS A 340 -3.71 4.87 21.14
CA LYS A 340 -3.16 3.56 20.83
C LYS A 340 -3.19 3.27 19.33
N LEU A 341 -4.35 3.45 18.71
CA LEU A 341 -4.49 3.21 17.27
C LEU A 341 -3.60 4.14 16.44
N TYR A 342 -3.66 5.43 16.74
CA TYR A 342 -2.86 6.41 16.03
C TYR A 342 -1.37 6.07 16.12
N LYS A 343 -0.92 5.72 17.33
CA LYS A 343 0.48 5.31 17.52
C LYS A 343 0.81 4.04 16.74
N MET A 344 -0.12 3.08 16.73
CA MET A 344 0.08 1.86 15.97
C MET A 344 0.34 2.21 14.51
N LEU A 345 -0.56 3.02 13.95
CA LEU A 345 -0.52 3.35 12.53
C LEU A 345 0.67 4.20 12.13
N THR A 346 1.16 5.02 13.05
CA THR A 346 2.16 6.02 12.69
C THR A 346 3.56 5.78 13.28
N GLU A 347 3.63 5.09 14.41
CA GLU A 347 4.91 4.89 15.11
C GLU A 347 5.37 3.43 15.14
N ILE A 348 4.42 2.48 15.19
CA ILE A 348 4.76 1.07 15.26
C ILE A 348 4.98 0.51 13.85
N TYR A 349 4.03 0.79 12.97
CA TYR A 349 4.13 0.40 11.57
C TYR A 349 5.09 1.31 10.77
N THR A 350 6.37 0.98 10.79
CA THR A 350 7.38 1.76 10.07
C THR A 350 8.33 0.84 9.32
N GLU A 351 8.94 1.35 8.27
CA GLU A 351 9.86 0.56 7.47
C GLU A 351 11.00 0.06 8.34
N ASP A 352 11.49 0.94 9.21
CA ASP A 352 12.60 0.59 10.08
C ASP A 352 12.23 -0.56 11.01
N ASN A 353 11.03 -0.54 11.56
CA ASN A 353 10.58 -1.64 12.42
C ASN A 353 10.45 -2.96 11.63
N PHE A 354 9.99 -2.89 10.39
CA PHE A 354 9.94 -4.08 9.55
C PHE A 354 11.32 -4.69 9.30
N VAL A 355 12.33 -3.85 9.08
CA VAL A 355 13.69 -4.33 8.92
C VAL A 355 14.08 -5.20 10.12
N LYS A 356 13.73 -4.73 11.32
CA LYS A 356 14.02 -5.47 12.55
C LYS A 356 13.37 -6.85 12.55
N PHE A 357 12.11 -6.91 12.13
CA PHE A 357 11.37 -8.16 12.12
C PHE A 357 11.87 -9.14 11.05
N PHE A 358 12.30 -8.61 9.90
CA PHE A 358 12.76 -9.44 8.80
C PHE A 358 14.23 -9.85 9.00
N LYS A 359 14.97 -9.09 9.79
CA LYS A 359 16.40 -9.32 9.99
C LYS A 359 17.15 -9.32 8.66
N VAL A 360 16.91 -8.28 7.86
CA VAL A 360 17.57 -8.10 6.57
C VAL A 360 18.43 -6.84 6.59
N LEU A 361 19.31 -6.71 5.61
CA LEU A 361 20.06 -5.48 5.44
C LEU A 361 19.19 -4.46 4.73
N ASN A 362 19.21 -3.22 5.19
CA ASN A 362 18.39 -2.17 4.63
C ASN A 362 19.03 -0.81 4.88
N ARG A 363 18.62 0.20 4.12
CA ARG A 363 19.00 1.57 4.39
C ARG A 363 18.62 1.88 5.84
N LYS A 364 19.41 2.71 6.51
CA LYS A 364 19.11 3.07 7.90
C LYS A 364 18.52 4.49 7.99
N THR A 365 18.40 5.12 6.83
CA THR A 365 17.67 6.38 6.73
C THR A 365 16.94 6.40 5.39
N TYR A 366 15.82 7.11 5.34
CA TYR A 366 15.07 7.25 4.10
C TYR A 366 15.85 8.13 3.15
N LEU A 367 16.72 8.96 3.71
CA LEU A 367 17.36 10.04 2.98
C LEU A 367 18.65 9.61 2.30
N ASN A 368 18.53 8.61 1.44
CA ASN A 368 19.62 8.18 0.59
C ASN A 368 19.03 7.84 -0.77
N PHE A 369 19.81 8.03 -1.82
CA PHE A 369 19.35 7.70 -3.16
C PHE A 369 19.89 6.35 -3.59
N ASP A 370 19.05 5.57 -4.27
CA ASP A 370 19.44 4.27 -4.80
C ASP A 370 20.59 4.42 -5.77
N LYS A 371 21.43 3.39 -5.85
CA LYS A 371 22.61 3.44 -6.70
C LYS A 371 22.52 2.47 -7.87
N ALA A 372 21.56 1.56 -7.80
CA ALA A 372 21.41 0.56 -8.85
C ALA A 372 20.01 -0.05 -8.82
N VAL A 373 19.59 -0.60 -9.95
CA VAL A 373 18.34 -1.32 -10.07
C VAL A 373 18.61 -2.72 -10.62
N PHE A 374 17.94 -3.72 -10.05
CA PHE A 374 18.14 -5.10 -10.49
C PHE A 374 16.85 -5.76 -10.91
N LYS A 375 16.92 -6.60 -11.94
CA LYS A 375 15.85 -7.54 -12.26
C LYS A 375 15.97 -8.75 -11.34
N ILE A 376 14.86 -9.21 -10.78
CA ILE A 376 14.86 -10.37 -9.87
C ILE A 376 13.71 -11.32 -10.18
N ASN A 377 13.71 -12.48 -9.50
CA ASN A 377 12.60 -13.44 -9.59
C ASN A 377 12.51 -14.22 -8.30
N ILE A 378 11.58 -13.80 -7.46
CA ILE A 378 11.45 -14.35 -6.13
C ILE A 378 10.44 -15.50 -6.08
N VAL A 379 9.85 -15.83 -7.21
CA VAL A 379 8.82 -16.87 -7.22
C VAL A 379 9.37 -18.28 -6.92
N PRO A 380 10.48 -18.67 -7.58
CA PRO A 380 11.08 -19.98 -7.26
C PRO A 380 11.55 -20.10 -5.80
N LYS A 381 11.17 -21.21 -5.18
CA LYS A 381 11.53 -21.48 -3.79
C LYS A 381 13.04 -21.44 -3.57
N VAL A 382 13.80 -21.78 -4.61
CA VAL A 382 15.26 -21.84 -4.46
C VAL A 382 15.90 -20.46 -4.49
N ASN A 383 15.11 -19.46 -4.87
CA ASN A 383 15.58 -18.07 -4.97
C ASN A 383 15.27 -17.22 -3.74
N TYR A 384 14.06 -17.41 -3.20
CA TYR A 384 13.52 -16.51 -2.18
C TYR A 384 12.42 -17.24 -1.45
N THR A 385 12.41 -17.12 -0.12
CA THR A 385 11.38 -17.80 0.66
C THR A 385 10.64 -16.85 1.60
N ILE A 386 9.43 -17.25 1.96
CA ILE A 386 8.60 -16.53 2.91
C ILE A 386 9.40 -16.18 4.17
N TYR A 387 10.10 -17.17 4.73
CA TYR A 387 10.79 -16.95 6.01
C TYR A 387 12.15 -16.26 5.92
N ASP A 388 12.90 -16.47 4.85
CA ASP A 388 14.27 -15.98 4.77
C ASP A 388 14.52 -14.90 3.70
N GLY A 389 13.56 -14.67 2.80
CA GLY A 389 13.81 -13.78 1.68
C GLY A 389 14.92 -14.37 0.84
N PHE A 390 15.92 -13.57 0.46
CA PHE A 390 17.05 -14.07 -0.32
C PHE A 390 18.05 -14.85 0.54
N ASN A 391 18.07 -14.57 1.84
CA ASN A 391 19.10 -15.13 2.71
C ASN A 391 18.78 -16.55 3.15
N LEU A 392 18.78 -17.47 2.20
CA LEU A 392 18.26 -18.81 2.40
C LEU A 392 19.05 -19.61 3.42
N ARG A 393 18.38 -20.03 4.49
CA ARG A 393 19.02 -20.89 5.48
C ARG A 393 19.52 -22.16 4.80
N ASN A 394 20.58 -22.74 5.36
CA ASN A 394 21.11 -24.01 4.87
C ASN A 394 21.61 -23.90 3.43
N THR A 395 22.13 -22.73 3.08
CA THR A 395 22.78 -22.49 1.79
C THR A 395 23.96 -21.53 1.98
N ASN A 396 24.72 -21.30 0.91
CA ASN A 396 25.85 -20.37 0.97
C ASN A 396 25.36 -18.95 1.19
N LEU A 397 24.06 -18.75 1.06
CA LEU A 397 23.45 -17.43 1.11
C LEU A 397 22.93 -17.07 2.50
N ALA A 398 23.08 -17.99 3.45
CA ALA A 398 22.47 -17.82 4.77
C ALA A 398 23.11 -16.69 5.59
N ALA A 399 24.43 -16.64 5.58
CA ALA A 399 25.18 -15.76 6.46
C ALA A 399 25.58 -14.44 5.80
N ASN A 400 25.79 -13.43 6.64
CA ASN A 400 26.33 -12.14 6.19
C ASN A 400 25.50 -11.45 5.13
N PHE A 401 24.21 -11.77 5.09
CA PHE A 401 23.32 -11.19 4.10
C PHE A 401 23.81 -11.50 2.70
N ASN A 402 24.46 -12.65 2.57
CA ASN A 402 25.02 -13.06 1.28
C ASN A 402 23.93 -13.05 0.22
N GLY A 403 22.74 -13.48 0.60
CA GLY A 403 21.60 -13.50 -0.31
C GLY A 403 21.28 -12.14 -0.92
N GLN A 404 21.53 -11.09 -0.15
CA GLN A 404 21.26 -9.73 -0.62
C GLN A 404 22.49 -9.12 -1.30
N ASN A 405 23.58 -9.88 -1.32
CA ASN A 405 24.82 -9.41 -1.93
C ASN A 405 24.82 -9.73 -3.41
N THR A 406 24.65 -8.70 -4.22
CA THR A 406 24.43 -8.85 -5.66
C THR A 406 25.59 -9.51 -6.42
N GLU A 407 26.79 -9.43 -5.86
CA GLU A 407 27.95 -10.05 -6.47
C GLU A 407 28.03 -11.53 -6.15
N ILE A 408 27.79 -11.84 -4.87
CA ILE A 408 27.83 -13.22 -4.37
C ILE A 408 26.61 -14.01 -4.84
N ASN A 409 25.44 -13.38 -4.77
CA ASN A 409 24.21 -14.05 -5.20
C ASN A 409 23.94 -13.70 -6.66
N ASN A 410 24.95 -13.93 -7.49
CA ASN A 410 24.92 -13.55 -8.89
C ASN A 410 23.72 -14.07 -9.69
N MET A 411 23.25 -15.26 -9.36
CA MET A 411 22.16 -15.89 -10.11
C MET A 411 20.82 -15.17 -9.95
N ASN A 412 20.72 -14.33 -8.93
CA ASN A 412 19.43 -13.76 -8.55
C ASN A 412 19.25 -12.29 -8.89
N PHE A 413 20.31 -11.64 -9.37
CA PHE A 413 20.22 -10.23 -9.70
C PHE A 413 20.85 -9.93 -11.03
N THR A 414 20.13 -9.16 -11.84
CA THR A 414 20.69 -8.67 -13.08
C THR A 414 20.60 -7.15 -13.04
N LYS A 415 21.74 -6.47 -12.94
CA LYS A 415 21.71 -5.02 -12.91
C LYS A 415 21.18 -4.47 -14.23
N LEU A 416 20.29 -3.50 -14.16
CA LEU A 416 19.73 -2.88 -15.36
C LEU A 416 20.63 -1.77 -15.88
N LYS A 417 20.54 -1.50 -17.19
CA LYS A 417 21.45 -0.56 -17.85
C LYS A 417 21.42 0.83 -17.22
O52 01W B 1 8.09 14.31 -0.49
N5 01W B 1 8.67 13.24 -0.53
O5 01W B 1 9.54 13.01 0.29
C5 01W B 1 8.33 12.26 -1.49
C6 01W B 1 8.91 11.01 -1.42
C7 01W B 1 8.58 10.03 -2.35
C4 01W B 1 7.40 12.53 -2.49
C3 01W B 1 7.06 11.55 -3.42
N3 01W B 1 6.12 11.83 -4.44
O32 01W B 1 6.21 11.28 -5.52
O3 01W B 1 5.22 12.63 -4.24
C2 01W B 1 7.65 10.29 -3.36
N13 01W B 1 7.31 9.35 -4.28
C1 01W B 1 7.54 7.94 -4.04
CB 01W B 1 6.73 7.40 -2.86
CA 01W B 1 7.24 6.04 -2.45
N 01W B 1 6.39 5.54 -1.39
C 01W B 1 8.63 6.19 -1.87
O 01W B 1 8.77 6.57 -0.73
N ARG B 2 9.66 5.91 -2.65
CA ARG B 2 11.01 6.03 -2.13
C ARG B 2 11.58 7.39 -2.46
N TRP B 3 12.64 7.80 -1.75
CA TRP B 3 13.12 9.17 -1.91
C TRP B 3 13.65 9.41 -3.31
N THR B 4 14.37 8.43 -3.84
CA THR B 4 14.93 8.53 -5.17
C THR B 4 13.86 8.98 -6.16
N DAB B 5 12.63 8.54 -5.95
CA DAB B 5 11.52 8.93 -6.88
C DAB B 5 11.41 10.42 -7.06
O DAB B 5 10.93 10.87 -8.12
CB DAB B 5 10.19 8.33 -6.42
CG DAB B 5 9.09 8.56 -7.46
ND DAB B 5 9.43 7.94 -8.74
N MET B 6 11.85 11.20 -6.07
CA MET B 6 11.74 12.67 -6.15
C MET B 6 12.62 13.26 -7.23
N LEU B 7 13.52 12.45 -7.77
CA LEU B 7 14.38 12.90 -8.87
C LEU B 7 13.72 12.64 -10.22
N GLY B 8 12.76 11.73 -10.24
ZN ZN C . 7.01 6.37 0.65
NI NI D . 21.54 11.34 12.28
#